data_6C1J
#
_entry.id   6C1J
#
_cell.length_a   35.902
_cell.length_b   94.998
_cell.length_c   72.910
_cell.angle_alpha   90.000
_cell.angle_beta   90.000
_cell.angle_gamma   90.000
#
_symmetry.space_group_name_H-M   'C 2 2 21'
#
loop_
_entity.id
_entity.type
_entity.pdbx_description
1 polymer 'Steroid Delta-isomerase'
2 non-polymer 'MAGNESIUM ION'
3 non-polymer 'CHLORIDE ION'
4 non-polymer 3,4-dinitrophenol
5 water water
#
_entity_poly.entity_id   1
_entity_poly.type   'polypeptide(L)'
_entity_poly.pdbx_seq_one_letter_code
;MNLPTAQEVQGLMARYIELVDVGDIEAIVQMFADDATVENPFGQPPIHGREQIAAFFRQGLGGGKVRACLTGPVRASHNG
CGAMPFRVEMVWNGQPCALDVIDVMRFDEHGRIQTMQAYWSEVNLSVREPQ
;
_entity_poly.pdbx_strand_id   A
#
loop_
_chem_comp.id
_chem_comp.type
_chem_comp.name
_chem_comp.formula
CL non-polymer 'CHLORIDE ION' 'Cl -1'
DNX non-polymer 3,4-dinitrophenol 'C6 H4 N2 O5'
MG non-polymer 'MAGNESIUM ION' 'Mg 2'
#
# COMPACT_ATOMS: atom_id res chain seq x y z
N MET A 1 10.31 -18.29 0.88
CA MET A 1 10.49 -18.19 2.35
C MET A 1 9.27 -18.77 3.08
N ASN A 2 9.32 -18.76 4.41
N ASN A 2 9.29 -18.76 4.42
CA ASN A 2 8.24 -19.23 5.26
CA ASN A 2 8.16 -19.20 5.20
C ASN A 2 7.47 -18.01 5.78
C ASN A 2 7.49 -17.99 5.86
N LEU A 3 6.73 -18.18 6.87
N LEU A 3 6.77 -18.22 6.95
CA LEU A 3 6.07 -17.05 7.50
CA LEU A 3 6.09 -17.14 7.65
C LEU A 3 7.14 -16.07 7.95
C LEU A 3 7.12 -16.11 8.07
N PRO A 4 7.09 -14.83 7.52
N PRO A 4 7.08 -14.89 7.54
CA PRO A 4 8.20 -13.92 7.80
CA PRO A 4 8.18 -13.94 7.81
C PRO A 4 8.34 -13.65 9.28
C PRO A 4 8.33 -13.66 9.29
N THR A 5 9.59 -13.60 9.72
CA THR A 5 9.89 -13.14 11.08
C THR A 5 9.60 -11.64 11.19
N ALA A 6 9.68 -11.13 12.41
CA ALA A 6 9.46 -9.69 12.60
C ALA A 6 10.41 -8.87 11.73
N GLN A 7 11.68 -9.24 11.68
CA GLN A 7 12.64 -8.52 10.84
CA GLN A 7 12.61 -8.50 10.85
C GLN A 7 12.25 -8.62 9.37
N GLU A 8 11.85 -9.80 8.93
CA GLU A 8 11.46 -9.97 7.55
C GLU A 8 10.21 -9.18 7.20
N VAL A 9 9.24 -9.09 8.12
CA VAL A 9 8.06 -8.25 7.92
C VAL A 9 8.48 -6.80 7.72
N GLN A 10 9.40 -6.30 8.55
N GLN A 10 9.36 -6.29 8.58
N GLN A 10 9.39 -6.31 8.56
CA GLN A 10 9.82 -4.91 8.39
CA GLN A 10 9.85 -4.94 8.36
CA GLN A 10 9.86 -4.93 8.40
C GLN A 10 10.44 -4.70 7.00
C GLN A 10 10.32 -4.79 6.93
C GLN A 10 10.43 -4.72 7.00
N GLY A 11 11.22 -5.68 6.52
CA GLY A 11 11.82 -5.55 5.20
C GLY A 11 10.78 -5.60 4.09
N LEU A 12 9.83 -6.53 4.20
CA LEU A 12 8.81 -6.67 3.16
C LEU A 12 7.91 -5.44 3.09
N MET A 13 7.50 -4.93 4.24
CA MET A 13 6.59 -3.79 4.24
C MET A 13 7.29 -2.53 3.74
N ALA A 14 8.57 -2.37 4.07
CA ALA A 14 9.33 -1.25 3.51
C ALA A 14 9.53 -1.40 2.01
N ARG A 15 9.77 -2.63 1.53
N ARG A 15 9.78 -2.64 1.55
N ARG A 15 9.74 -2.64 1.55
CA ARG A 15 9.90 -2.82 0.08
CA ARG A 15 9.90 -2.89 0.12
CA ARG A 15 9.90 -2.89 0.12
C ARG A 15 8.60 -2.51 -0.62
C ARG A 15 8.61 -2.52 -0.60
C ARG A 15 8.61 -2.59 -0.64
N TYR A 16 7.47 -2.92 -0.04
CA TYR A 16 6.19 -2.56 -0.61
C TYR A 16 6.08 -1.05 -0.83
N ILE A 17 6.43 -0.25 0.18
CA ILE A 17 6.38 1.20 0.02
C ILE A 17 7.33 1.66 -1.07
N GLU A 18 8.53 1.08 -1.14
CA GLU A 18 9.47 1.40 -2.22
CA GLU A 18 9.46 1.41 -2.22
C GLU A 18 8.83 1.16 -3.59
N LEU A 19 8.15 0.04 -3.75
CA LEU A 19 7.55 -0.29 -5.03
C LEU A 19 6.39 0.61 -5.36
N VAL A 20 5.59 0.97 -4.35
CA VAL A 20 4.54 1.97 -4.54
C VAL A 20 5.15 3.30 -4.97
N ASP A 21 6.22 3.71 -4.29
CA ASP A 21 6.87 4.99 -4.55
C ASP A 21 7.38 5.11 -5.97
N VAL A 22 7.94 4.04 -6.54
N VAL A 22 7.89 4.00 -6.52
CA VAL A 22 8.38 4.12 -7.94
CA VAL A 22 8.42 3.97 -7.89
C VAL A 22 7.23 3.84 -8.90
C VAL A 22 7.35 3.62 -8.90
N GLY A 23 6.17 3.17 -8.45
CA GLY A 23 5.05 2.89 -9.31
C GLY A 23 5.20 1.64 -10.14
N ASP A 24 5.93 0.64 -9.64
CA ASP A 24 6.12 -0.61 -10.38
C ASP A 24 4.94 -1.53 -10.07
N ILE A 25 3.86 -1.31 -10.81
N ILE A 25 3.88 -1.35 -10.85
CA ILE A 25 2.59 -2.01 -10.58
CA ILE A 25 2.64 -2.12 -10.68
C ILE A 25 2.78 -3.51 -10.59
C ILE A 25 2.95 -3.61 -10.55
N GLU A 26 3.56 -4.02 -11.55
N GLU A 26 3.53 -4.18 -11.61
CA GLU A 26 3.68 -5.47 -11.64
CA GLU A 26 3.74 -5.62 -11.64
C GLU A 26 4.46 -6.06 -10.46
C GLU A 26 4.46 -6.08 -10.39
N ALA A 27 5.52 -5.38 -10.00
CA ALA A 27 6.27 -5.84 -8.84
C ALA A 27 5.46 -5.75 -7.56
N ILE A 28 4.62 -4.73 -7.44
CA ILE A 28 3.73 -4.62 -6.27
C ILE A 28 2.82 -5.83 -6.22
N VAL A 29 2.15 -6.13 -7.34
CA VAL A 29 1.17 -7.20 -7.35
C VAL A 29 1.80 -8.54 -6.98
N GLN A 30 3.04 -8.75 -7.43
N GLN A 30 3.05 -8.76 -7.41
N GLN A 30 3.04 -8.76 -7.42
CA GLN A 30 3.76 -9.98 -7.11
CA GLN A 30 3.72 -10.01 -7.10
CA GLN A 30 3.72 -10.01 -7.09
C GLN A 30 3.94 -10.16 -5.61
C GLN A 30 4.13 -10.13 -5.63
C GLN A 30 4.07 -10.15 -5.62
N MET A 31 3.99 -9.07 -4.83
CA MET A 31 4.14 -9.20 -3.39
C MET A 31 2.92 -9.82 -2.72
N PHE A 32 1.76 -9.82 -3.39
CA PHE A 32 0.54 -10.33 -2.80
C PHE A 32 0.36 -11.81 -3.12
N ALA A 33 -0.27 -12.52 -2.19
CA ALA A 33 -0.73 -13.86 -2.47
C ALA A 33 -1.72 -13.82 -3.64
N ASP A 34 -1.83 -14.94 -4.35
CA ASP A 34 -2.67 -14.96 -5.55
C ASP A 34 -4.11 -14.61 -5.24
N ASP A 35 -4.56 -14.96 -4.03
CA ASP A 35 -5.92 -14.78 -3.55
C ASP A 35 -6.01 -13.75 -2.44
N ALA A 36 -5.08 -12.80 -2.39
CA ALA A 36 -5.06 -11.82 -1.31
C ALA A 36 -6.29 -10.92 -1.34
N THR A 37 -6.52 -10.26 -0.21
CA THR A 37 -7.54 -9.23 -0.13
C THR A 37 -6.91 -7.88 0.22
N VAL A 38 -7.56 -6.83 -0.27
CA VAL A 38 -7.23 -5.45 0.06
C VAL A 38 -8.52 -4.77 0.51
N GLU A 39 -8.50 -4.17 1.70
N GLU A 39 -8.45 -4.03 1.62
CA GLU A 39 -9.57 -3.32 2.18
CA GLU A 39 -9.55 -3.19 2.10
C GLU A 39 -9.00 -1.91 2.21
C GLU A 39 -9.06 -1.75 2.09
N ASN A 40 -9.50 -1.05 1.35
N ASN A 40 -9.58 -0.93 1.15
CA ASN A 40 -8.87 0.24 1.18
CA ASN A 40 -9.16 0.45 1.00
C ASN A 40 -9.87 1.27 0.69
C ASN A 40 -10.36 1.39 0.82
N PRO A 41 -10.33 2.20 1.55
N PRO A 41 -10.57 2.34 1.73
CA PRO A 41 -9.99 2.33 2.97
CA PRO A 41 -9.98 2.35 3.06
C PRO A 41 -10.64 1.27 3.86
C PRO A 41 -10.62 1.24 3.86
N PHE A 42 -10.01 0.94 5.00
CA PHE A 42 -10.64 0.04 5.95
C PHE A 42 -12.04 0.57 6.25
N GLY A 43 -13.01 -0.33 6.24
CA GLY A 43 -14.41 0.01 6.32
C GLY A 43 -15.17 -0.26 5.04
N GLN A 44 -14.47 -0.40 3.93
N GLN A 44 -14.47 -0.37 3.93
CA GLN A 44 -15.07 -0.76 2.66
CA GLN A 44 -15.06 -0.75 2.66
C GLN A 44 -14.87 -2.24 2.40
C GLN A 44 -14.87 -2.24 2.40
N PRO A 45 -15.73 -2.85 1.57
CA PRO A 45 -15.61 -4.29 1.32
C PRO A 45 -14.28 -4.62 0.68
N PRO A 46 -13.73 -5.81 0.95
CA PRO A 46 -12.46 -6.19 0.31
C PRO A 46 -12.60 -6.41 -1.18
N ILE A 47 -11.52 -6.12 -1.90
CA ILE A 47 -11.31 -6.68 -3.21
C ILE A 47 -10.46 -7.93 -3.03
N HIS A 48 -10.50 -8.82 -4.04
CA HIS A 48 -10.02 -10.19 -3.93
CA HIS A 48 -9.93 -10.13 -3.88
C HIS A 48 -9.21 -10.57 -5.15
N GLY A 49 -8.02 -11.09 -4.95
CA GLY A 49 -7.25 -11.71 -6.02
C GLY A 49 -6.34 -10.74 -6.73
N ARG A 50 -5.28 -11.30 -7.31
N ARG A 50 -5.30 -11.29 -7.33
CA ARG A 50 -4.26 -10.47 -7.94
CA ARG A 50 -4.33 -10.43 -8.00
C ARG A 50 -4.77 -9.63 -9.10
C ARG A 50 -4.96 -9.61 -9.13
N GLU A 51 -5.73 -10.10 -9.90
N GLU A 51 -5.93 -10.16 -9.86
CA GLU A 51 -6.17 -9.23 -11.00
CA GLU A 51 -6.53 -9.36 -10.93
C GLU A 51 -6.91 -8.00 -10.48
C GLU A 51 -7.10 -8.06 -10.39
N GLN A 52 -7.81 -8.17 -9.50
N GLN A 52 -7.95 -8.16 -9.37
CA GLN A 52 -8.47 -7.00 -8.92
CA GLN A 52 -8.57 -6.95 -8.82
C GLN A 52 -7.47 -6.08 -8.24
C GLN A 52 -7.55 -6.07 -8.11
N ILE A 53 -6.49 -6.67 -7.55
CA ILE A 53 -5.46 -5.86 -6.90
C ILE A 53 -4.64 -5.11 -7.94
N ALA A 54 -4.29 -5.76 -9.05
CA ALA A 54 -3.59 -5.07 -10.12
C ALA A 54 -4.41 -3.92 -10.65
N ALA A 55 -5.72 -4.12 -10.81
CA ALA A 55 -6.57 -3.04 -11.30
C ALA A 55 -6.57 -1.87 -10.33
N PHE A 56 -6.60 -2.15 -9.03
N PHE A 56 -6.57 -2.17 -9.02
N PHE A 56 -6.67 -2.15 -9.04
CA PHE A 56 -6.52 -1.08 -8.04
CA PHE A 56 -6.51 -1.15 -7.96
CA PHE A 56 -6.49 -1.13 -8.02
C PHE A 56 -5.23 -0.29 -8.22
C PHE A 56 -5.23 -0.32 -8.03
C PHE A 56 -5.24 -0.32 -8.29
N PHE A 57 -4.08 -0.97 -8.25
CA PHE A 57 -2.82 -0.24 -8.35
C PHE A 57 -2.68 0.46 -9.69
N ARG A 58 -3.21 -0.11 -10.76
N ARG A 58 -3.16 -0.14 -10.78
CA ARG A 58 -3.25 0.64 -12.02
CA ARG A 58 -2.97 0.47 -12.08
C ARG A 58 -4.07 1.92 -11.85
C ARG A 58 -3.75 1.77 -12.22
N GLN A 59 -5.22 1.83 -11.17
N GLN A 59 -4.96 1.80 -11.66
CA GLN A 59 -6.08 3.01 -10.99
CA GLN A 59 -5.76 3.02 -11.64
C GLN A 59 -5.40 4.06 -10.11
C GLN A 59 -5.09 4.08 -10.77
N GLY A 60 -4.67 3.63 -9.08
N GLY A 60 -4.79 3.73 -9.52
CA GLY A 60 -4.09 4.57 -8.14
CA GLY A 60 -4.25 4.70 -8.59
C GLY A 60 -2.78 5.14 -8.57
C GLY A 60 -2.89 5.22 -8.99
N LEU A 61 -1.96 4.37 -9.29
N LEU A 61 -1.97 4.31 -9.32
CA LEU A 61 -0.57 4.72 -9.57
CA LEU A 61 -0.59 4.66 -9.67
C LEU A 61 -0.30 5.03 -11.04
C LEU A 61 -0.35 4.76 -11.16
N GLY A 62 -1.14 4.58 -11.96
N GLY A 62 -1.38 4.59 -11.98
CA GLY A 62 -0.85 4.76 -13.37
CA GLY A 62 -1.18 4.56 -13.43
C GLY A 62 -1.11 6.16 -13.91
C GLY A 62 -0.59 5.84 -13.98
N GLY A 63 -1.92 6.97 -13.22
N GLY A 63 -0.87 6.98 -13.34
CA GLY A 63 -2.28 8.28 -13.72
CA GLY A 63 -0.33 8.25 -13.79
C GLY A 63 -1.24 9.36 -13.49
C GLY A 63 1.17 8.35 -13.74
N GLY A 64 -1.57 10.35 -12.68
N GLY A 64 1.83 7.48 -12.98
CA GLY A 64 -0.61 11.37 -12.31
CA GLY A 64 3.28 7.41 -12.94
C GLY A 64 0.53 10.80 -11.48
C GLY A 64 3.96 8.34 -11.96
N LYS A 65 1.53 11.64 -11.23
N LYS A 65 3.27 9.33 -11.41
CA LYS A 65 2.68 11.22 -10.43
CA LYS A 65 3.89 10.38 -10.61
C LYS A 65 2.27 10.94 -8.98
C LYS A 65 3.63 10.29 -9.11
N VAL A 66 2.79 9.84 -8.44
N VAL A 66 2.88 9.28 -8.63
CA VAL A 66 2.51 9.43 -7.07
CA VAL A 66 2.59 9.19 -7.20
C VAL A 66 3.84 9.08 -6.42
C VAL A 66 3.88 8.86 -6.45
N ARG A 67 3.99 9.55 -5.17
N ARG A 67 4.00 9.41 -5.24
CA ARG A 67 5.11 9.18 -4.32
CA ARG A 67 5.14 9.14 -4.38
C ARG A 67 4.54 8.59 -3.03
C ARG A 67 4.63 8.71 -3.00
N ALA A 68 5.36 7.80 -2.35
CA ALA A 68 4.96 7.30 -1.04
C ALA A 68 6.19 7.08 -0.20
N CYS A 69 6.11 7.43 1.09
CA CYS A 69 7.24 7.28 1.97
CA CYS A 69 7.25 7.25 1.96
C CYS A 69 6.77 6.97 3.38
N LEU A 70 7.47 6.05 4.03
CA LEU A 70 7.25 5.82 5.45
C LEU A 70 7.44 7.11 6.21
N THR A 71 6.60 7.31 7.21
CA THR A 71 6.73 8.46 8.11
C THR A 71 7.18 8.03 9.49
N GLY A 72 7.44 6.75 9.68
CA GLY A 72 7.99 6.20 10.87
C GLY A 72 8.24 4.74 10.63
N PRO A 73 8.76 4.04 11.63
N PRO A 73 8.82 4.04 11.61
CA PRO A 73 9.16 2.65 11.44
CA PRO A 73 9.18 2.64 11.40
C PRO A 73 7.98 1.69 11.27
C PRO A 73 7.99 1.71 11.25
N VAL A 74 8.25 0.59 10.59
CA VAL A 74 7.31 -0.52 10.59
C VAL A 74 7.24 -1.11 11.99
N ARG A 75 6.03 -1.36 12.47
N ARG A 75 6.03 -1.45 12.44
CA ARG A 75 5.81 -2.16 13.67
CA ARG A 75 5.78 -2.16 13.70
C ARG A 75 5.44 -3.56 13.20
C ARG A 75 5.34 -3.59 13.38
N ALA A 76 6.26 -4.54 13.53
CA ALA A 76 6.01 -5.92 13.13
C ALA A 76 5.59 -6.78 14.33
N SER A 77 5.06 -7.95 14.03
N SER A 77 5.10 -7.97 14.01
N SER A 77 5.08 -7.97 14.02
CA SER A 77 4.75 -8.96 15.04
CA SER A 77 4.70 -8.95 15.00
CA SER A 77 4.71 -8.96 15.02
C SER A 77 5.61 -10.19 14.82
C SER A 77 5.43 -10.26 14.73
C SER A 77 5.46 -10.25 14.74
N HIS A 78 5.41 -11.16 15.71
CA HIS A 78 6.01 -12.47 15.57
C HIS A 78 5.08 -13.50 14.95
N ASN A 79 3.92 -13.06 14.45
CA ASN A 79 2.99 -13.95 13.74
C ASN A 79 2.76 -13.48 12.31
N GLY A 80 3.78 -12.92 11.68
CA GLY A 80 3.72 -12.61 10.27
C GLY A 80 2.91 -11.39 9.91
N CYS A 81 2.68 -10.49 10.85
CA CYS A 81 1.85 -9.30 10.60
C CYS A 81 2.65 -8.04 10.90
N GLY A 82 2.14 -6.90 10.43
CA GLY A 82 2.76 -5.64 10.76
C GLY A 82 1.86 -4.47 10.40
N ALA A 83 2.26 -3.31 10.88
CA ALA A 83 1.57 -2.06 10.62
C ALA A 83 2.60 -0.98 10.34
N MET A 84 2.27 -0.06 9.45
CA MET A 84 3.22 0.99 9.10
C MET A 84 2.52 2.30 8.81
N PRO A 85 3.12 3.43 9.18
CA PRO A 85 2.58 4.74 8.84
C PRO A 85 3.32 5.32 7.66
N PHE A 86 2.57 5.91 6.72
CA PHE A 86 3.20 6.48 5.55
C PHE A 86 2.34 7.61 5.02
N ARG A 87 2.93 8.36 4.10
N ARG A 87 2.91 8.33 4.05
CA ARG A 87 2.25 9.43 3.40
CA ARG A 87 2.25 9.48 3.43
C ARG A 87 2.38 9.18 1.91
C ARG A 87 2.41 9.35 1.92
N VAL A 88 1.28 9.37 1.21
CA VAL A 88 1.22 9.33 -0.23
C VAL A 88 1.09 10.75 -0.73
N GLU A 89 1.89 11.12 -1.72
N GLU A 89 1.93 11.10 -1.70
CA GLU A 89 1.84 12.45 -2.30
CA GLU A 89 1.93 12.42 -2.33
C GLU A 89 1.39 12.30 -3.75
C GLU A 89 1.42 12.24 -3.74
N MET A 90 0.32 13.03 -4.10
N MET A 90 0.44 13.05 -4.12
CA MET A 90 -0.32 12.92 -5.40
CA MET A 90 -0.09 12.95 -5.46
C MET A 90 -0.75 14.30 -5.86
C MET A 90 -0.54 14.34 -5.89
N VAL A 91 -1.37 14.34 -7.04
N VAL A 91 -1.36 14.37 -6.93
CA VAL A 91 -1.80 15.58 -7.67
CA VAL A 91 -1.87 15.61 -7.51
C VAL A 91 -3.32 15.55 -7.81
C VAL A 91 -3.37 15.44 -7.71
N TRP A 92 -3.99 16.51 -7.16
N TRP A 92 -4.11 16.51 -7.45
CA TRP A 92 -5.44 16.62 -7.22
CA TRP A 92 -5.56 16.51 -7.60
C TRP A 92 -5.77 17.74 -8.20
C TRP A 92 -5.95 17.70 -8.43
N ASN A 93 -6.23 17.35 -9.40
N ASN A 93 -6.59 17.45 -9.57
CA ASN A 93 -6.53 18.30 -10.46
CA ASN A 93 -6.95 18.50 -10.51
C ASN A 93 -5.38 19.29 -10.65
C ASN A 93 -5.79 19.48 -10.65
N GLY A 94 -4.17 18.73 -10.72
N GLY A 94 -4.57 18.96 -10.66
CA GLY A 94 -2.97 19.53 -10.96
CA GLY A 94 -3.38 19.74 -10.93
C GLY A 94 -2.36 20.19 -9.75
C GLY A 94 -2.77 20.45 -9.74
N GLN A 95 -2.81 19.86 -8.55
N GLN A 95 -3.18 20.10 -8.51
CA GLN A 95 -2.33 20.50 -7.33
CA GLN A 95 -2.62 20.75 -7.33
C GLN A 95 -1.76 19.48 -6.37
C GLN A 95 -2.06 19.70 -6.36
N PRO A 96 -0.71 19.84 -5.61
N PRO A 96 -0.88 19.93 -5.79
CA PRO A 96 -0.05 18.85 -4.75
CA PRO A 96 -0.30 18.88 -4.93
C PRO A 96 -0.90 18.56 -3.52
C PRO A 96 -1.20 18.54 -3.76
N CYS A 97 -1.23 17.29 -3.32
N CYS A 97 -1.16 17.28 -3.35
N CYS A 97 -0.89 17.53 -3.11
CA CYS A 97 -2.00 16.86 -2.18
CA CYS A 97 -1.93 16.79 -2.23
CA CYS A 97 -1.86 16.79 -2.33
C CYS A 97 -1.39 15.60 -1.62
C CYS A 97 -1.12 15.74 -1.48
C CYS A 97 -1.19 15.64 -1.59
N ALA A 98 -1.63 15.39 -0.33
N ALA A 98 -1.71 15.26 -0.39
CA ALA A 98 -1.07 14.24 0.36
CA ALA A 98 -1.03 14.31 0.47
C ALA A 98 -2.17 13.51 1.09
C ALA A 98 -2.07 13.54 1.28
N LEU A 99 -1.93 12.22 1.34
CA LEU A 99 -2.83 11.36 2.11
C LEU A 99 -1.99 10.59 3.13
N ASP A 100 -2.33 10.75 4.41
CA ASP A 100 -1.69 10.00 5.49
C ASP A 100 -2.43 8.69 5.71
N VAL A 101 -1.70 7.57 5.74
CA VAL A 101 -2.27 6.22 5.74
C VAL A 101 -1.51 5.37 6.76
N ILE A 102 -2.20 4.41 7.35
CA ILE A 102 -1.55 3.30 8.04
C ILE A 102 -2.02 2.01 7.37
N ASP A 103 -1.08 1.22 6.88
CA ASP A 103 -1.42 -0.11 6.37
C ASP A 103 -1.12 -1.15 7.42
N VAL A 104 -2.04 -2.08 7.57
CA VAL A 104 -1.90 -3.27 8.38
C VAL A 104 -1.89 -4.46 7.43
N MET A 105 -0.88 -5.32 7.54
CA MET A 105 -0.73 -6.46 6.66
C MET A 105 -0.54 -7.74 7.44
N ARG A 106 -1.05 -8.81 6.88
N ARG A 106 -1.04 -8.82 6.86
CA ARG A 106 -0.74 -10.15 7.32
CA ARG A 106 -0.77 -10.17 7.31
C ARG A 106 -0.13 -10.89 6.14
C ARG A 106 -0.18 -10.97 6.16
N PHE A 107 0.99 -11.56 6.39
CA PHE A 107 1.70 -12.34 5.38
C PHE A 107 1.37 -13.81 5.55
N ASP A 108 1.47 -14.56 4.43
CA ASP A 108 1.22 -15.97 4.44
C ASP A 108 2.51 -16.73 4.67
N GLU A 109 2.39 -18.04 4.65
N GLU A 109 2.40 -18.05 4.72
N GLU A 109 2.40 -18.05 4.71
N GLU A 109 2.40 -18.04 4.69
CA GLU A 109 3.47 -18.98 4.92
CA GLU A 109 3.52 -18.95 4.97
CA GLU A 109 3.55 -18.89 5.00
CA GLU A 109 3.55 -18.89 4.99
C GLU A 109 4.51 -19.00 3.82
C GLU A 109 4.49 -19.04 3.79
C GLU A 109 4.63 -18.82 3.92
C GLU A 109 4.53 -18.98 3.85
N HIS A 110 4.34 -18.18 2.78
CA HIS A 110 5.31 -18.06 1.70
C HIS A 110 5.87 -16.65 1.61
N GLY A 111 5.60 -15.79 2.60
CA GLY A 111 6.12 -14.44 2.54
C GLY A 111 5.37 -13.49 1.63
N ARG A 112 4.16 -13.83 1.23
N ARG A 112 4.15 -13.82 1.23
N ARG A 112 4.14 -13.81 1.24
CA ARG A 112 3.36 -12.97 0.39
CA ARG A 112 3.34 -12.97 0.39
CA ARG A 112 3.35 -12.95 0.39
C ARG A 112 2.27 -12.32 1.25
C ARG A 112 2.22 -12.34 1.21
C ARG A 112 2.16 -12.39 1.15
N ILE A 113 1.79 -11.15 0.79
CA ILE A 113 0.75 -10.45 1.53
C ILE A 113 -0.57 -11.17 1.34
N GLN A 114 -1.15 -11.65 2.43
CA GLN A 114 -2.46 -12.29 2.40
C GLN A 114 -3.59 -11.28 2.55
N THR A 115 -3.44 -10.34 3.48
CA THR A 115 -4.41 -9.28 3.66
C THR A 115 -3.69 -7.94 3.83
N MET A 116 -4.29 -6.90 3.26
CA MET A 116 -3.88 -5.53 3.46
CA MET A 116 -3.87 -5.53 3.46
C MET A 116 -5.11 -4.71 3.82
N GLN A 117 -4.98 -3.86 4.84
CA GLN A 117 -6.03 -2.96 5.29
C GLN A 117 -5.41 -1.59 5.40
N ALA A 118 -5.95 -0.64 4.66
CA ALA A 118 -5.42 0.72 4.59
C ALA A 118 -6.33 1.63 5.39
N TYR A 119 -5.86 2.06 6.55
CA TYR A 119 -6.61 2.98 7.39
C TYR A 119 -6.35 4.41 6.96
N TRP A 120 -7.44 5.10 6.64
CA TRP A 120 -7.44 6.53 6.33
C TRP A 120 -8.89 6.93 6.11
N SER A 121 -9.15 8.23 6.26
N SER A 121 -9.16 8.22 6.28
CA SER A 121 -10.41 8.83 5.88
CA SER A 121 -10.43 8.79 5.85
C SER A 121 -10.11 10.19 5.27
C SER A 121 -10.13 10.13 5.22
N GLU A 122 -11.18 10.89 4.86
N GLU A 122 -11.20 10.85 4.86
CA GLU A 122 -11.00 12.09 4.05
CA GLU A 122 -11.03 12.17 4.27
C GLU A 122 -10.19 13.19 4.73
C GLU A 122 -10.41 13.12 5.27
N VAL A 123 -10.28 13.33 6.06
N VAL A 123 -10.52 12.84 6.57
N VAL A 123 -10.18 13.09 5.95
CA VAL A 123 -9.49 14.37 6.74
CA VAL A 123 -9.82 13.66 7.55
CA VAL A 123 -9.62 14.09 6.85
C VAL A 123 -8.00 14.08 6.69
C VAL A 123 -8.31 13.56 7.36
C VAL A 123 -8.21 13.72 7.26
N ASN A 124 -7.58 12.86 6.34
N ASN A 124 -7.83 12.55 6.62
CA ASN A 124 -6.17 12.56 6.17
CA ASN A 124 -6.40 12.35 6.42
C ASN A 124 -5.64 13.05 4.83
C ASN A 124 -5.90 12.91 5.09
N LEU A 125 -6.51 13.59 3.98
N LEU A 125 -6.76 13.61 4.35
CA LEU A 125 -6.12 14.19 2.72
CA LEU A 125 -6.37 14.23 3.09
C LEU A 125 -5.88 15.67 2.98
C LEU A 125 -5.93 15.67 3.34
N SER A 126 -4.78 16.20 2.46
N SER A 126 -4.96 16.12 2.56
CA SER A 126 -4.51 17.62 2.57
CA SER A 126 -4.55 17.52 2.61
C SER A 126 -4.00 18.15 1.24
C SER A 126 -4.36 18.04 1.19
N VAL A 127 -4.37 19.38 0.94
N VAL A 127 -5.04 19.13 0.88
CA VAL A 127 -4.06 19.98 -0.37
CA VAL A 127 -4.82 19.85 -0.38
C VAL A 127 -2.89 20.95 -0.28
C VAL A 127 -3.90 21.04 -0.12
MG MG B . -2.17 -19.44 -0.37
MG MG C . 11.72 5.52 -3.72
CL CL D . 2.50 9.69 10.31
C1 DNX E . -1.62 1.72 -0.07
C1 DNX E . -1.62 1.61 0.05
C2 DNX E . -1.31 2.19 -1.35
C2 DNX E . -1.19 2.04 -1.20
C3 DNX E . -2.22 3.03 -1.95
C3 DNX E . -1.84 3.12 -1.76
N3 DNX E . -1.90 3.55 -3.31
N3 DNX E . -1.32 3.56 -3.12
C4 DNX E . -3.39 3.41 -1.28
C4 DNX E . -2.90 3.78 -1.09
N4 DNX E . -4.39 4.29 -1.90
N4 DNX E . -3.64 4.99 -1.68
C5 DNX E . -3.68 2.92 -0.03
C5 DNX E . -3.31 3.32 0.16
C6 DNX E . -2.78 2.08 0.58
C6 DNX E . -2.66 2.23 0.74
O1 DNX E . -0.77 0.86 0.51
O1 DNX E . -0.98 0.54 0.56
O31 DNX E . -1.32 2.83 -4.06
O32 DNX E . -2.21 4.69 -3.58
O32 DNX E . -0.88 4.70 -3.13
O41 DNX E . -4.46 4.33 -3.10
O41 DNX E . -3.01 5.97 -1.91
O42 DNX E . -5.12 4.87 -1.12
O42 DNX E . -4.83 4.87 -1.86
H2 DNX E . -0.53 1.93 -1.79
H2 DNX E . -0.50 1.61 -1.63
H5 DNX E . -4.45 3.16 0.40
H5 DNX E . -4.01 3.74 0.61
H6 DNX E . -2.98 1.74 1.43
H6 DNX E . -2.94 1.92 1.56
#